data_7H69
#
_entry.id   7H69
#
_cell.length_a   74.030
_cell.length_b   74.030
_cell.length_c   49.330
_cell.angle_alpha   90.00
_cell.angle_beta   90.00
_cell.angle_gamma   90.00
#
_symmetry.space_group_name_H-M   'P 43'
#
loop_
_entity.id
_entity.type
_entity.pdbx_description
1 polymer Chymase
2 non-polymer 'ZINC ION'
3 non-polymer '1-[(7-fluoronaphthalen-1-yl)methyl]-1H-indole-2-carboxylic acid'
4 non-polymer 'DIMETHYL SULFOXIDE'
5 water water
#
_entity_poly.entity_id   1
_entity_poly.type   'polypeptide(L)'
_entity_poly.pdbx_seq_one_letter_code
;IIGGTESKPHSRPYMAYLEIVTSNGPSKFCGGFLIRRNFVLTAAHCAGRSITVTLGAHNITEEEDTWQKLEVIKQFRHPK
YNTSTLHHDIMLLKLKEKASLTLAVGTLPFPSQKNFVPPGRMCRVAGWGRTGVLKPGSDTLQEVKLRLMDPQACSHFRDF
DHNLQLCVGNPRKTKSAFKGDSGGPLLCAGVAQGIVSYGRSDAKPPAVFTRISHYRPWINQILQAN
;
_entity_poly.pdbx_strand_id   A
#
# COMPACT_ATOMS: atom_id res chain seq x y z
N ILE A 1 5.72 6.37 7.56
CA ILE A 1 4.91 7.63 7.46
C ILE A 1 5.70 8.72 8.16
N ILE A 2 5.98 9.80 7.42
CA ILE A 2 6.65 10.97 7.97
C ILE A 2 5.61 12.04 8.25
N GLY A 3 5.67 12.59 9.47
CA GLY A 3 4.92 13.77 9.83
C GLY A 3 3.43 13.49 10.02
N GLY A 4 3.09 12.24 10.35
CA GLY A 4 1.73 11.81 10.56
C GLY A 4 1.38 11.71 12.04
N THR A 5 0.23 11.08 12.29
CA THR A 5 -0.35 10.84 13.60
C THR A 5 -0.51 9.34 13.81
N GLU A 6 -0.51 8.88 15.06
CA GLU A 6 -0.86 7.50 15.35
C GLU A 6 -2.33 7.26 14.99
N SER A 7 -2.62 6.19 14.22
CA SER A 7 -4.00 5.85 13.87
C SER A 7 -4.75 5.45 15.14
N LYS A 8 -6.06 5.75 15.19
CA LYS A 8 -6.89 5.13 16.21
C LYS A 8 -6.81 3.61 16.03
N PRO A 9 -6.50 2.82 17.08
CA PRO A 9 -6.28 1.38 16.90
C PRO A 9 -7.45 0.67 16.21
N HIS A 10 -7.16 -0.07 15.14
CA HIS A 10 -8.13 -0.91 14.44
C HIS A 10 -9.12 -0.10 13.61
N SER A 11 -8.86 1.20 13.42
CA SER A 11 -9.75 2.10 12.69
C SER A 11 -9.64 1.94 11.17
N ARG A 12 -8.59 1.24 10.71
CA ARG A 12 -8.40 0.92 9.31
C ARG A 12 -8.28 -0.61 9.16
N PRO A 13 -9.42 -1.33 9.27
CA PRO A 13 -9.37 -2.79 9.46
C PRO A 13 -8.93 -3.62 8.25
N TYR A 14 -8.79 -2.96 7.09
CA TYR A 14 -8.30 -3.58 5.87
C TYR A 14 -6.77 -3.56 5.80
N MET A 15 -6.07 -2.87 6.70
CA MET A 15 -4.62 -2.70 6.57
C MET A 15 -3.89 -4.03 6.85
N ALA A 16 -2.89 -4.33 6.01
CA ALA A 16 -2.11 -5.55 6.10
C ALA A 16 -0.63 -5.22 6.31
N TYR A 17 0.01 -5.94 7.25
CA TYR A 17 1.44 -5.82 7.50
C TYR A 17 2.11 -7.04 6.87
N LEU A 18 3.03 -6.79 5.92
CA LEU A 18 3.69 -7.84 5.17
C LEU A 18 5.14 -8.00 5.61
N GLU A 19 5.51 -9.25 5.91
CA GLU A 19 6.89 -9.63 6.15
C GLU A 19 7.33 -10.47 4.94
N ILE A 20 8.36 -9.98 4.24
CA ILE A 20 8.77 -10.59 3.00
C ILE A 20 10.15 -11.23 3.16
N VAL A 21 10.21 -12.51 2.78
CA VAL A 21 11.41 -13.31 2.93
C VAL A 21 12.11 -13.36 1.58
N THR A 22 13.45 -13.25 1.64
CA THR A 22 14.33 -13.51 0.52
C THR A 22 15.39 -14.54 0.93
N SER A 23 15.96 -15.26 -0.04
CA SER A 23 16.88 -16.34 0.25
C SER A 23 18.18 -15.85 0.89
N ASN A 24 18.58 -14.60 0.55
CA ASN A 24 19.95 -14.12 0.72
C ASN A 24 20.06 -12.84 1.57
N GLY A 25 18.98 -12.40 2.22
CA GLY A 25 19.09 -11.34 3.21
C GLY A 25 18.02 -11.49 4.28
N PRO A 26 18.02 -10.64 5.32
CA PRO A 26 16.96 -10.66 6.33
C PRO A 26 15.62 -10.19 5.77
N SER A 27 14.58 -10.41 6.57
CA SER A 27 13.23 -9.97 6.26
C SER A 27 13.21 -8.51 5.86
N LYS A 28 12.32 -8.20 4.90
CA LYS A 28 11.90 -6.84 4.61
C LYS A 28 10.41 -6.71 4.89
N PHE A 29 9.91 -5.46 4.91
CA PHE A 29 8.51 -5.25 5.26
C PHE A 29 7.82 -4.29 4.27
N CYS A 30 6.51 -4.51 4.09
CA CYS A 30 5.65 -3.62 3.32
C CYS A 30 4.28 -3.54 3.99
N GLY A 31 3.48 -2.59 3.52
CA GLY A 31 2.06 -2.56 3.79
C GLY A 31 1.29 -3.21 2.64
N GLY A 32 -0.04 -3.13 2.73
CA GLY A 32 -0.96 -3.69 1.74
C GLY A 32 -2.37 -3.57 2.30
N PHE A 33 -3.37 -4.06 1.56
CA PHE A 33 -4.74 -3.99 2.07
C PHE A 33 -5.58 -5.17 1.57
N LEU A 34 -6.51 -5.60 2.44
CA LEU A 34 -7.38 -6.74 2.16
C LEU A 34 -8.52 -6.29 1.26
N ILE A 35 -8.65 -6.87 0.05
CA ILE A 35 -9.72 -6.50 -0.88
C ILE A 35 -10.77 -7.60 -1.01
N ARG A 36 -10.39 -8.84 -0.72
CA ARG A 36 -11.33 -9.95 -0.54
C ARG A 36 -10.83 -10.74 0.66
N ARG A 37 -11.65 -11.66 1.19
CA ARG A 37 -11.25 -12.35 2.40
C ARG A 37 -9.97 -13.17 2.18
N ASN A 38 -9.67 -13.54 0.92
CA ASN A 38 -8.45 -14.28 0.62
C ASN A 38 -7.53 -13.55 -0.37
N PHE A 39 -7.65 -12.22 -0.51
CA PHE A 39 -6.73 -11.50 -1.38
C PHE A 39 -6.31 -10.17 -0.76
N VAL A 40 -5.00 -9.92 -0.85
CA VAL A 40 -4.40 -8.67 -0.42
C VAL A 40 -3.73 -8.01 -1.63
N LEU A 41 -3.94 -6.70 -1.78
CA LEU A 41 -3.25 -5.89 -2.79
C LEU A 41 -2.05 -5.19 -2.15
N THR A 42 -0.93 -5.14 -2.87
CA THR A 42 0.28 -4.45 -2.46
C THR A 42 1.06 -4.05 -3.72
N ALA A 43 2.29 -3.58 -3.51
CA ALA A 43 3.20 -3.21 -4.58
C ALA A 43 3.94 -4.46 -5.07
N ALA A 44 4.16 -4.53 -6.40
CA ALA A 44 4.96 -5.61 -7.00
C ALA A 44 6.40 -5.65 -6.50
N HIS A 45 7.03 -4.50 -6.14
CA HIS A 45 8.38 -4.50 -5.63
C HIS A 45 8.48 -5.18 -4.25
N CYS A 46 7.34 -5.50 -3.62
CA CYS A 46 7.33 -6.19 -2.34
C CYS A 46 7.31 -7.72 -2.53
N ALA A 47 7.39 -8.21 -3.78
CA ALA A 47 7.49 -9.65 -4.02
C ALA A 47 8.75 -10.23 -3.40
N GLY A 48 8.63 -11.50 -2.99
CA GLY A 48 9.78 -12.22 -2.48
C GLY A 48 9.62 -13.73 -2.63
N ARG A 49 10.47 -14.48 -1.93
CA ARG A 49 10.42 -15.93 -1.98
C ARG A 49 9.18 -16.42 -1.24
N SER A 50 8.82 -15.74 -0.15
CA SER A 50 7.59 -16.05 0.56
C SER A 50 7.18 -14.82 1.36
N ILE A 51 5.89 -14.71 1.67
CA ILE A 51 5.35 -13.57 2.40
C ILE A 51 4.37 -14.06 3.47
N THR A 52 4.40 -13.42 4.66
N THR A 52 4.43 -13.41 4.64
CA THR A 52 3.40 -13.64 5.69
CA THR A 52 3.45 -13.58 5.70
C THR A 52 2.67 -12.33 5.93
C THR A 52 2.65 -12.29 5.84
N VAL A 53 1.34 -12.43 6.06
CA VAL A 53 0.46 -11.29 6.21
C VAL A 53 -0.05 -11.29 7.64
N THR A 54 0.02 -10.14 8.31
CA THR A 54 -0.64 -9.97 9.60
C THR A 54 -1.77 -8.96 9.42
N LEU A 55 -3.01 -9.42 9.64
CA LEU A 55 -4.19 -8.57 9.71
C LEU A 55 -4.52 -8.29 11.17
N GLY A 56 -5.26 -7.19 11.42
CA GLY A 56 -5.77 -6.89 12.74
C GLY A 56 -4.76 -6.19 13.65
N ALA A 57 -3.64 -5.68 13.10
CA ALA A 57 -2.57 -5.15 13.95
C ALA A 57 -2.74 -3.66 14.20
N HIS A 58 -2.24 -3.21 15.35
CA HIS A 58 -2.00 -1.79 15.61
C HIS A 58 -0.53 -1.62 15.98
N ASN A 59 -0.15 -2.06 17.21
CA ASN A 59 1.24 -2.14 17.62
C ASN A 59 1.74 -3.53 17.22
N ILE A 60 2.57 -3.59 16.18
CA ILE A 60 3.02 -4.84 15.59
C ILE A 60 4.01 -5.60 16.49
N THR A 61 4.44 -4.98 17.59
CA THR A 61 5.37 -5.63 18.51
C THR A 61 4.61 -6.36 19.63
N GLU A 62 3.28 -6.21 19.69
CA GLU A 62 2.52 -6.78 20.79
C GLU A 62 1.35 -7.64 20.30
N GLU A 63 1.54 -8.96 20.41
N GLU A 63 1.51 -8.96 20.41
CA GLU A 63 0.52 -9.94 20.05
CA GLU A 63 0.51 -9.92 19.96
C GLU A 63 -0.79 -9.64 20.77
C GLU A 63 -0.77 -9.74 20.76
N GLU A 64 -1.91 -9.83 20.06
CA GLU A 64 -3.22 -9.64 20.66
C GLU A 64 -4.24 -10.47 19.88
N ASP A 65 -5.46 -10.61 20.45
CA ASP A 65 -6.47 -11.49 19.87
C ASP A 65 -6.94 -11.04 18.48
N THR A 66 -6.88 -9.74 18.17
CA THR A 66 -7.26 -9.25 16.85
C THR A 66 -6.33 -9.78 15.75
N TRP A 67 -5.09 -10.18 16.09
CA TRP A 67 -4.15 -10.61 15.05
C TRP A 67 -4.68 -11.83 14.33
N GLN A 68 -4.53 -11.80 13.00
CA GLN A 68 -4.59 -12.99 12.16
C GLN A 68 -3.30 -13.05 11.34
N LYS A 69 -2.46 -14.05 11.62
CA LYS A 69 -1.24 -14.27 10.88
C LYS A 69 -1.57 -15.28 9.78
N LEU A 70 -1.51 -14.87 8.52
CA LEU A 70 -2.06 -15.66 7.43
C LEU A 70 -0.97 -15.97 6.40
N GLU A 71 -0.97 -17.24 5.99
CA GLU A 71 -0.08 -17.72 4.93
C GLU A 71 -0.53 -17.21 3.57
N VAL A 72 0.45 -16.86 2.72
CA VAL A 72 0.24 -16.56 1.31
C VAL A 72 0.58 -17.79 0.48
N ILE A 73 -0.33 -18.27 -0.37
N ILE A 73 -0.37 -18.26 -0.33
CA ILE A 73 -0.04 -19.44 -1.19
CA ILE A 73 -0.16 -19.42 -1.19
C ILE A 73 0.58 -19.06 -2.54
C ILE A 73 0.58 -19.05 -2.47
N LYS A 74 0.23 -17.91 -3.09
CA LYS A 74 0.77 -17.50 -4.38
C LYS A 74 0.80 -15.99 -4.49
N GLN A 75 1.84 -15.49 -5.18
CA GLN A 75 1.99 -14.07 -5.50
C GLN A 75 1.76 -13.85 -7.00
N PHE A 76 0.92 -12.86 -7.32
CA PHE A 76 0.56 -12.52 -8.70
C PHE A 76 0.97 -11.08 -8.98
N ARG A 77 2.18 -10.88 -9.53
CA ARG A 77 2.61 -9.55 -9.97
C ARG A 77 1.90 -9.18 -11.27
N HIS A 78 1.62 -7.88 -11.47
CA HIS A 78 1.07 -7.41 -12.73
C HIS A 78 1.99 -7.87 -13.87
N PRO A 79 1.43 -8.43 -14.97
CA PRO A 79 2.29 -8.99 -16.02
C PRO A 79 3.13 -7.94 -16.74
N LYS A 80 2.76 -6.66 -16.64
CA LYS A 80 3.51 -5.59 -17.28
C LYS A 80 4.43 -4.87 -16.28
N TYR A 81 4.57 -5.40 -15.05
CA TYR A 81 5.47 -4.81 -14.07
C TYR A 81 6.88 -4.72 -14.68
N ASN A 82 7.51 -3.54 -14.59
CA ASN A 82 8.86 -3.31 -15.06
C ASN A 82 9.75 -2.82 -13.92
N THR A 83 10.85 -3.54 -13.64
CA THR A 83 11.73 -3.27 -12.51
C THR A 83 12.62 -2.04 -12.75
N SER A 84 12.73 -1.57 -14.00
CA SER A 84 13.50 -0.36 -14.29
C SER A 84 12.66 0.89 -14.06
N THR A 85 11.51 0.97 -14.73
CA THR A 85 10.64 2.15 -14.70
C THR A 85 9.73 2.14 -13.46
N LEU A 86 9.47 0.94 -12.91
CA LEU A 86 8.51 0.73 -11.84
C LEU A 86 7.08 1.01 -12.31
N HIS A 87 6.83 1.01 -13.62
CA HIS A 87 5.45 1.03 -14.12
C HIS A 87 4.74 -0.27 -13.74
N HIS A 88 3.43 -0.17 -13.48
CA HIS A 88 2.59 -1.32 -13.12
C HIS A 88 3.08 -1.96 -11.84
N ASP A 89 3.42 -1.14 -10.84
CA ASP A 89 3.94 -1.63 -9.57
C ASP A 89 2.80 -2.07 -8.67
N ILE A 90 2.21 -3.24 -8.99
CA ILE A 90 1.02 -3.70 -8.29
C ILE A 90 1.01 -5.22 -8.30
N MET A 91 0.52 -5.82 -7.20
CA MET A 91 0.56 -7.27 -7.01
C MET A 91 -0.61 -7.70 -6.13
N LEU A 92 -1.17 -8.87 -6.47
CA LEU A 92 -2.17 -9.54 -5.66
C LEU A 92 -1.54 -10.71 -4.92
N LEU A 93 -1.87 -10.85 -3.64
CA LEU A 93 -1.48 -12.00 -2.82
C LEU A 93 -2.72 -12.82 -2.53
N LYS A 94 -2.69 -14.12 -2.87
CA LYS A 94 -3.77 -15.02 -2.51
C LYS A 94 -3.41 -15.69 -1.19
N LEU A 95 -4.31 -15.59 -0.22
CA LEU A 95 -4.15 -16.22 1.07
C LEU A 95 -4.60 -17.67 1.01
N LYS A 96 -3.91 -18.50 1.80
CA LYS A 96 -4.20 -19.93 1.91
C LYS A 96 -5.65 -20.13 2.34
N GLU A 97 -6.09 -19.35 3.33
N GLU A 97 -6.12 -19.32 3.29
CA GLU A 97 -7.49 -19.41 3.79
CA GLU A 97 -7.50 -19.43 3.74
C GLU A 97 -8.13 -18.03 3.69
C GLU A 97 -8.12 -18.04 3.81
N LYS A 98 -9.45 -18.00 3.87
CA LYS A 98 -10.14 -16.73 3.99
C LYS A 98 -9.92 -16.22 5.42
N ALA A 99 -9.61 -14.92 5.54
CA ALA A 99 -9.59 -14.24 6.82
C ALA A 99 -10.94 -14.30 7.50
N SER A 100 -10.91 -14.21 8.84
CA SER A 100 -12.09 -13.98 9.65
C SER A 100 -12.46 -12.50 9.60
N LEU A 101 -13.76 -12.25 9.49
CA LEU A 101 -14.31 -10.92 9.61
C LEU A 101 -14.51 -10.64 11.10
N THR A 102 -13.93 -9.53 11.56
CA THR A 102 -14.04 -9.09 12.95
C THR A 102 -14.17 -7.57 12.94
N LEU A 103 -14.34 -6.96 14.12
CA LEU A 103 -14.34 -5.49 14.16
C LEU A 103 -13.01 -4.96 13.61
N ALA A 104 -11.91 -5.67 13.88
CA ALA A 104 -10.57 -5.19 13.55
C ALA A 104 -10.09 -5.64 12.17
N VAL A 105 -10.84 -6.53 11.50
CA VAL A 105 -10.41 -7.08 10.22
C VAL A 105 -11.61 -7.13 9.26
N GLY A 106 -11.47 -6.43 8.13
CA GLY A 106 -12.45 -6.49 7.06
C GLY A 106 -11.85 -6.00 5.74
N THR A 107 -12.62 -6.16 4.65
CA THR A 107 -12.14 -5.77 3.32
C THR A 107 -12.47 -4.30 3.04
N LEU A 108 -11.72 -3.75 2.10
CA LEU A 108 -12.02 -2.46 1.51
C LEU A 108 -12.46 -2.69 0.07
N PRO A 109 -13.74 -2.46 -0.29
CA PRO A 109 -14.20 -2.69 -1.67
C PRO A 109 -14.02 -1.48 -2.57
N PHE A 110 -14.01 -1.71 -3.89
CA PHE A 110 -14.06 -0.63 -4.85
C PHE A 110 -15.52 -0.29 -5.18
N PRO A 111 -15.84 0.99 -5.46
CA PRO A 111 -17.10 1.33 -6.11
C PRO A 111 -17.08 0.78 -7.54
N SER A 112 -18.29 0.58 -8.11
N SER A 112 -18.28 0.58 -8.12
CA SER A 112 -18.44 0.04 -9.46
CA SER A 112 -18.40 0.02 -9.45
C SER A 112 -17.74 0.96 -10.46
C SER A 112 -17.78 0.96 -10.49
N GLN A 113 -17.80 2.27 -10.20
CA GLN A 113 -17.16 3.28 -11.05
C GLN A 113 -15.64 3.12 -11.03
N LYS A 114 -15.02 3.44 -12.18
N LYS A 114 -15.01 3.42 -12.18
CA LYS A 114 -13.58 3.31 -12.38
CA LYS A 114 -13.57 3.30 -12.34
C LYS A 114 -13.01 4.65 -12.84
C LYS A 114 -13.02 4.64 -12.84
N ASN A 115 -13.30 5.71 -12.07
CA ASN A 115 -13.07 7.08 -12.49
C ASN A 115 -11.60 7.46 -12.32
N PHE A 116 -11.14 8.35 -13.21
CA PHE A 116 -9.82 8.96 -13.12
C PHE A 116 -9.88 10.08 -12.09
N VAL A 117 -8.89 10.13 -11.18
CA VAL A 117 -8.82 11.14 -10.13
C VAL A 117 -7.90 12.26 -10.61
N PRO A 118 -8.39 13.50 -10.79
CA PRO A 118 -7.52 14.64 -11.05
C PRO A 118 -6.91 15.25 -9.79
N PRO A 119 -5.83 16.07 -9.93
CA PRO A 119 -5.19 16.71 -8.78
C PRO A 119 -6.02 17.73 -8.00
N GLY A 120 -5.54 18.07 -6.78
CA GLY A 120 -6.06 19.19 -6.00
C GLY A 120 -6.46 18.82 -4.56
N ARG A 121 -6.93 17.58 -4.34
CA ARG A 121 -7.66 17.25 -3.13
C ARG A 121 -6.77 16.55 -2.09
N MET A 122 -7.30 16.42 -0.86
CA MET A 122 -6.55 15.82 0.22
C MET A 122 -6.98 14.36 0.37
N CYS A 123 -6.00 13.46 0.55
CA CYS A 123 -6.20 12.03 0.67
C CYS A 123 -5.40 11.55 1.89
N ARG A 124 -5.64 10.32 2.36
CA ARG A 124 -4.94 9.84 3.54
C ARG A 124 -4.25 8.52 3.20
N VAL A 125 -3.04 8.32 3.74
CA VAL A 125 -2.32 7.06 3.61
C VAL A 125 -1.85 6.61 4.99
N ALA A 126 -1.86 5.29 5.24
CA ALA A 126 -1.42 4.73 6.50
C ALA A 126 -0.33 3.66 6.28
N GLY A 127 0.52 3.47 7.29
CA GLY A 127 1.55 2.45 7.24
C GLY A 127 2.40 2.38 8.51
N TRP A 128 3.20 1.32 8.58
CA TRP A 128 4.15 1.06 9.64
C TRP A 128 5.57 1.43 9.22
N GLY A 129 5.73 2.20 8.13
CA GLY A 129 7.06 2.47 7.63
C GLY A 129 7.85 3.45 8.49
N ARG A 130 9.06 3.76 8.02
CA ARG A 130 9.97 4.67 8.69
C ARG A 130 9.36 6.06 8.84
N THR A 131 9.69 6.71 9.96
CA THR A 131 9.14 8.01 10.34
C THR A 131 10.13 9.12 9.99
N GLY A 132 11.22 8.75 9.31
CA GLY A 132 12.26 9.69 8.91
C GLY A 132 13.40 8.93 8.26
N VAL A 133 14.32 9.66 7.62
CA VAL A 133 15.40 9.02 6.88
C VAL A 133 16.22 8.14 7.84
N LEU A 134 16.52 8.60 9.05
CA LEU A 134 17.39 7.76 9.84
C LEU A 134 16.62 7.04 10.95
N LYS A 135 15.32 6.78 10.73
CA LYS A 135 14.46 6.30 11.80
C LYS A 135 13.91 4.93 11.44
N PRO A 136 14.01 3.95 12.34
CA PRO A 136 13.20 2.76 12.16
C PRO A 136 11.70 2.88 11.81
N GLY A 137 11.18 1.80 11.24
CA GLY A 137 9.75 1.61 11.08
C GLY A 137 9.00 1.81 12.39
N SER A 138 7.79 2.39 12.29
CA SER A 138 6.95 2.64 13.44
C SER A 138 6.41 1.33 14.02
N ASP A 139 6.36 1.21 15.35
CA ASP A 139 5.73 0.05 15.97
C ASP A 139 4.22 0.12 15.79
N THR A 140 3.67 1.35 15.77
CA THR A 140 2.24 1.58 15.67
C THR A 140 1.88 2.02 14.25
N LEU A 141 0.66 1.68 13.84
CA LEU A 141 0.12 2.17 12.57
C LEU A 141 0.03 3.69 12.65
N GLN A 142 0.57 4.37 11.64
CA GLN A 142 0.57 5.82 11.53
C GLN A 142 -0.19 6.19 10.25
N GLU A 143 -0.67 7.43 10.19
CA GLU A 143 -1.37 7.89 9.01
C GLU A 143 -1.13 9.39 8.82
N VAL A 144 -1.36 9.86 7.59
CA VAL A 144 -1.05 11.24 7.24
C VAL A 144 -1.97 11.68 6.11
N LYS A 145 -2.40 12.96 6.16
CA LYS A 145 -3.20 13.58 5.11
C LYS A 145 -2.26 14.31 4.13
N LEU A 146 -2.38 13.97 2.84
CA LEU A 146 -1.48 14.46 1.79
C LEU A 146 -2.28 15.08 0.66
N ARG A 147 -1.64 16.07 -0.02
CA ARG A 147 -2.22 16.71 -1.18
C ARG A 147 -1.92 15.96 -2.47
N LEU A 148 -2.98 15.60 -3.20
N LEU A 148 -2.97 15.70 -3.25
CA LEU A 148 -2.82 15.21 -4.60
CA LEU A 148 -2.83 15.19 -4.60
C LEU A 148 -2.24 16.41 -5.34
C LEU A 148 -2.38 16.31 -5.54
N MET A 149 -1.16 16.15 -6.09
CA MET A 149 -0.50 17.20 -6.87
C MET A 149 -0.73 17.04 -8.37
N ASP A 150 -0.64 18.17 -9.08
CA ASP A 150 -0.55 18.15 -10.53
C ASP A 150 0.68 17.34 -10.94
N PRO A 151 0.65 16.63 -12.09
CA PRO A 151 1.70 15.69 -12.45
C PRO A 151 3.06 16.34 -12.65
N GLN A 152 3.09 17.64 -12.99
CA GLN A 152 4.37 18.33 -13.18
C GLN A 152 5.18 18.39 -11.89
N ALA A 153 4.52 18.27 -10.73
CA ALA A 153 5.23 18.25 -9.45
C ALA A 153 6.13 17.02 -9.31
N CYS A 154 5.88 15.96 -10.12
CA CYS A 154 6.65 14.72 -10.07
C CYS A 154 7.57 14.55 -11.29
N SER A 155 7.78 15.61 -12.07
CA SER A 155 8.58 15.51 -13.30
C SER A 155 9.99 14.97 -13.04
N HIS A 156 10.58 15.32 -11.89
CA HIS A 156 11.94 14.93 -11.55
C HIS A 156 12.11 13.41 -11.44
N PHE A 157 11.00 12.70 -11.19
CA PHE A 157 10.99 11.25 -11.37
C PHE A 157 10.79 11.02 -12.86
N ARG A 158 11.88 10.72 -13.57
CA ARG A 158 11.88 10.85 -15.01
C ARG A 158 10.99 9.79 -15.67
N ASP A 159 10.71 8.69 -14.95
CA ASP A 159 9.82 7.64 -15.42
C ASP A 159 8.40 7.74 -14.85
N PHE A 160 8.09 8.81 -14.12
CA PHE A 160 6.71 9.05 -13.70
C PHE A 160 5.82 9.25 -14.92
N ASP A 161 4.59 8.72 -14.90
CA ASP A 161 3.61 9.00 -15.93
C ASP A 161 2.23 9.22 -15.32
N HIS A 162 1.60 10.34 -15.71
CA HIS A 162 0.34 10.82 -15.16
C HIS A 162 -0.79 9.80 -15.35
N ASN A 163 -0.78 9.06 -16.47
CA ASN A 163 -1.87 8.15 -16.75
C ASN A 163 -1.75 6.86 -15.93
N LEU A 164 -0.53 6.54 -15.43
CA LEU A 164 -0.29 5.31 -14.68
C LEU A 164 -0.26 5.55 -13.17
N GLN A 165 0.03 6.79 -12.74
CA GLN A 165 0.47 7.05 -11.36
C GLN A 165 -0.12 8.36 -10.85
N LEU A 166 -0.17 8.47 -9.51
CA LEU A 166 -0.53 9.70 -8.82
C LEU A 166 0.71 10.32 -8.19
N CYS A 167 0.70 11.67 -8.11
CA CYS A 167 1.78 12.46 -7.55
C CYS A 167 1.28 13.04 -6.23
N VAL A 168 1.87 12.59 -5.10
CA VAL A 168 1.24 12.76 -3.79
C VAL A 168 2.18 13.40 -2.76
N GLY A 169 1.73 14.53 -2.19
CA GLY A 169 2.47 15.20 -1.13
C GLY A 169 3.02 16.56 -1.58
N ASN A 170 2.50 17.63 -0.95
CA ASN A 170 2.99 18.98 -1.16
C ASN A 170 4.47 19.10 -0.81
N PRO A 171 5.34 19.52 -1.77
CA PRO A 171 6.78 19.63 -1.50
C PRO A 171 7.14 20.68 -0.45
N ARG A 172 6.17 21.54 -0.09
CA ARG A 172 6.39 22.56 0.93
C ARG A 172 6.37 21.98 2.34
N LYS A 173 5.94 20.72 2.49
CA LYS A 173 5.80 20.09 3.80
C LYS A 173 6.69 18.84 3.84
N THR A 174 6.91 18.31 5.06
CA THR A 174 7.70 17.11 5.23
C THR A 174 6.79 15.88 5.20
N LYS A 175 5.47 16.07 5.32
CA LYS A 175 4.51 14.98 5.38
C LYS A 175 4.64 14.07 4.15
N SER A 176 4.74 12.74 4.35
CA SER A 176 4.95 11.85 3.20
C SER A 176 4.81 10.38 3.61
N ALA A 177 4.38 9.55 2.65
CA ALA A 177 4.70 8.13 2.71
C ALA A 177 6.21 7.95 2.57
N PHE A 178 6.75 6.86 3.13
CA PHE A 178 8.17 6.60 3.02
C PHE A 178 8.44 5.09 3.01
N LYS A 179 9.72 4.73 3.06
CA LYS A 179 10.15 3.34 3.10
C LYS A 179 9.40 2.58 4.19
N GLY A 180 8.93 1.37 3.81
CA GLY A 180 8.11 0.55 4.68
C GLY A 180 6.60 0.76 4.48
N ASP A 181 6.20 1.87 3.83
CA ASP A 181 4.80 2.14 3.55
C ASP A 181 4.34 1.58 2.20
N SER A 182 5.28 1.08 1.37
CA SER A 182 5.02 0.42 0.10
C SER A 182 3.76 -0.44 0.16
N GLY A 183 2.88 -0.30 -0.83
CA GLY A 183 1.72 -1.15 -0.94
C GLY A 183 0.49 -0.67 -0.18
N GLY A 184 0.68 0.31 0.72
CA GLY A 184 -0.45 0.86 1.46
C GLY A 184 -1.39 1.65 0.56
N PRO A 185 -2.70 1.64 0.85
CA PRO A 185 -3.68 2.38 0.04
C PRO A 185 -3.72 3.87 0.35
N LEU A 186 -3.89 4.68 -0.72
CA LEU A 186 -4.22 6.09 -0.59
C LEU A 186 -5.75 6.22 -0.69
N LEU A 187 -6.40 6.72 0.36
CA LEU A 187 -7.85 6.85 0.35
C LEU A 187 -8.22 8.32 0.17
N CYS A 188 -9.07 8.59 -0.83
CA CYS A 188 -9.58 9.91 -1.10
C CYS A 188 -11.10 9.84 -0.92
N ALA A 189 -11.59 10.64 0.04
CA ALA A 189 -12.98 10.53 0.48
C ALA A 189 -13.37 9.08 0.72
N GLY A 190 -12.50 8.31 1.36
CA GLY A 190 -12.81 6.96 1.79
C GLY A 190 -12.75 5.88 0.71
N VAL A 191 -12.26 6.23 -0.50
CA VAL A 191 -12.15 5.31 -1.62
C VAL A 191 -10.68 5.12 -2.00
N ALA A 192 -10.24 3.87 -2.20
CA ALA A 192 -8.84 3.60 -2.53
C ALA A 192 -8.54 4.06 -3.95
N GLN A 193 -7.64 5.04 -4.11
CA GLN A 193 -7.34 5.55 -5.44
C GLN A 193 -5.93 5.14 -5.89
N GLY A 194 -5.04 4.81 -4.95
CA GLY A 194 -3.67 4.45 -5.33
C GLY A 194 -3.00 3.61 -4.25
N ILE A 195 -1.74 3.24 -4.56
N ILE A 195 -1.80 3.08 -4.54
CA ILE A 195 -0.89 2.37 -3.78
CA ILE A 195 -1.00 2.44 -3.51
C ILE A 195 0.48 3.03 -3.62
C ILE A 195 0.42 3.00 -3.58
N VAL A 196 1.07 3.05 -2.41
CA VAL A 196 2.40 3.60 -2.27
C VAL A 196 3.38 2.86 -3.18
N SER A 197 4.18 3.58 -4.00
CA SER A 197 5.15 2.92 -4.86
C SER A 197 6.59 3.29 -4.51
N TYR A 198 7.02 4.54 -4.81
CA TYR A 198 8.40 4.93 -4.53
C TYR A 198 8.50 6.45 -4.36
N GLY A 199 9.70 6.91 -4.05
CA GLY A 199 9.98 8.33 -3.89
C GLY A 199 11.48 8.57 -3.75
N ARG A 200 11.86 9.71 -3.19
CA ARG A 200 13.26 10.06 -2.98
C ARG A 200 13.83 9.39 -1.74
N SER A 201 15.10 8.99 -1.82
N SER A 201 15.11 8.99 -1.84
CA SER A 201 15.80 8.41 -0.68
CA SER A 201 15.85 8.42 -0.72
C SER A 201 15.87 9.40 0.48
C SER A 201 15.89 9.38 0.47
N ASP A 202 15.87 10.71 0.20
CA ASP A 202 15.99 11.73 1.24
C ASP A 202 14.62 12.16 1.78
N ALA A 203 13.55 11.51 1.28
CA ALA A 203 12.21 11.63 1.85
C ALA A 203 11.51 12.93 1.47
N LYS A 204 12.08 13.75 0.58
CA LYS A 204 11.42 14.99 0.20
C LYS A 204 10.22 14.67 -0.70
N PRO A 205 9.00 15.06 -0.29
CA PRO A 205 7.84 14.80 -1.15
C PRO A 205 7.84 15.68 -2.40
N PRO A 206 7.03 15.40 -3.46
CA PRO A 206 6.06 14.30 -3.47
C PRO A 206 6.61 12.89 -3.64
N ALA A 207 5.77 11.89 -3.35
CA ALA A 207 6.05 10.51 -3.70
C ALA A 207 5.08 10.02 -4.78
N VAL A 208 5.42 8.87 -5.37
CA VAL A 208 4.73 8.30 -6.51
C VAL A 208 3.89 7.10 -6.07
N PHE A 209 2.61 7.11 -6.43
CA PHE A 209 1.68 6.05 -6.10
C PHE A 209 1.19 5.41 -7.41
N THR A 210 0.94 4.10 -7.38
CA THR A 210 0.31 3.40 -8.48
C THR A 210 -1.17 3.77 -8.52
N ARG A 211 -1.67 4.17 -9.69
CA ARG A 211 -3.06 4.56 -9.87
C ARG A 211 -3.91 3.31 -10.07
N ILE A 212 -4.76 2.98 -9.07
CA ILE A 212 -5.53 1.75 -9.10
C ILE A 212 -6.42 1.72 -10.36
N SER A 213 -7.10 2.83 -10.67
CA SER A 213 -8.05 2.92 -11.79
C SER A 213 -7.57 2.17 -13.04
N HIS A 214 -6.30 2.31 -13.42
CA HIS A 214 -5.81 1.62 -14.63
C HIS A 214 -5.99 0.11 -14.52
N TYR A 215 -5.91 -0.43 -13.29
CA TYR A 215 -5.69 -1.86 -13.10
C TYR A 215 -6.99 -2.63 -12.83
N ARG A 216 -8.12 -1.92 -12.69
CA ARG A 216 -9.36 -2.54 -12.25
C ARG A 216 -9.67 -3.78 -13.12
N PRO A 217 -9.55 -3.71 -14.47
CA PRO A 217 -9.77 -4.88 -15.32
C PRO A 217 -8.85 -6.05 -14.96
N TRP A 218 -7.57 -5.74 -14.76
CA TRP A 218 -6.62 -6.74 -14.31
C TRP A 218 -7.09 -7.33 -12.98
N ILE A 219 -7.43 -6.46 -12.00
CA ILE A 219 -7.73 -6.93 -10.66
C ILE A 219 -8.95 -7.85 -10.76
N ASN A 220 -9.95 -7.44 -11.56
CA ASN A 220 -11.15 -8.23 -11.77
C ASN A 220 -10.77 -9.60 -12.35
N GLN A 221 -9.84 -9.61 -13.31
CA GLN A 221 -9.45 -10.83 -14.02
C GLN A 221 -8.91 -11.89 -13.05
N ILE A 222 -7.97 -11.48 -12.19
CA ILE A 222 -7.33 -12.40 -11.26
C ILE A 222 -8.35 -12.90 -10.25
N LEU A 223 -9.22 -12.00 -9.76
CA LEU A 223 -10.21 -12.35 -8.75
C LEU A 223 -11.21 -13.35 -9.32
N GLN A 224 -11.71 -13.10 -10.54
CA GLN A 224 -12.70 -13.96 -11.17
C GLN A 224 -12.12 -15.35 -11.44
N ALA A 225 -10.81 -15.42 -11.75
CA ALA A 225 -10.20 -16.63 -12.30
C ALA A 225 -9.41 -17.43 -11.25
N ASN A 226 -9.33 -16.93 -10.01
CA ASN A 226 -8.58 -17.61 -8.95
C ASN A 226 -9.47 -17.76 -7.71
#